data_6WBP
#
_entry.id   6WBP
#
_cell.length_a   49.640
_cell.length_b   49.640
_cell.length_c   228.549
_cell.angle_alpha   90.000
_cell.angle_beta   90.000
_cell.angle_gamma   120.000
#
_symmetry.space_group_name_H-M   'P 61 2 2'
#
loop_
_entity.id
_entity.type
_entity.pdbx_description
1 polymer Septin-6
2 non-polymer 'SULFATE ION'
3 non-polymer 'CITRIC ACID'
4 water water
#
_entity_poly.entity_id   1
_entity_poly.type   'polypeptide(L)'
_entity_poly.pdbx_seq_one_letter_code
;GSHMWVQRVKEKEAELKEAEKELHEKFDRLKKLHQDEKKKLEDKKKSLDDEVNAFKQR
;
_entity_poly.pdbx_strand_id   A,B
#
loop_
_chem_comp.id
_chem_comp.type
_chem_comp.name
_chem_comp.formula
CIT non-polymer 'CITRIC ACID' 'C6 H8 O7'
SO4 non-polymer 'SULFATE ION' 'O4 S -2'
#
# COMPACT_ATOMS: atom_id res chain seq x y z
N GLY A 1 12.26 30.16 32.77
CA GLY A 1 11.67 28.85 32.55
C GLY A 1 12.65 27.88 31.91
N SER A 2 12.16 26.79 31.33
CA SER A 2 13.08 25.85 30.69
C SER A 2 12.51 25.37 29.37
N HIS A 3 11.66 26.18 28.73
CA HIS A 3 11.08 25.84 27.43
C HIS A 3 10.31 24.55 27.51
N MET A 4 9.61 24.33 28.62
CA MET A 4 8.80 23.11 28.71
C MET A 4 7.83 22.96 27.54
N TRP A 5 7.25 24.04 27.01
CA TRP A 5 6.32 23.84 25.88
C TRP A 5 7.04 23.27 24.66
N VAL A 6 8.29 23.62 24.47
CA VAL A 6 9.06 23.07 23.36
C VAL A 6 9.26 21.58 23.56
N GLN A 7 9.51 21.16 24.81
CA GLN A 7 9.67 19.73 25.03
C GLN A 7 8.39 18.97 24.73
N ARG A 8 7.24 19.56 25.11
CA ARG A 8 5.95 18.95 24.78
C ARG A 8 5.77 18.84 23.27
N VAL A 9 6.08 19.92 22.53
CA VAL A 9 5.90 19.87 21.08
C VAL A 9 6.80 18.80 20.49
N LYS A 10 8.03 18.65 21.02
CA LYS A 10 8.89 17.61 20.47
C LYS A 10 8.39 16.21 20.81
N GLU A 11 7.73 16.02 21.97
CA GLU A 11 7.07 14.73 22.23
C GLU A 11 5.99 14.46 21.20
N LYS A 12 5.17 15.45 20.90
CA LYS A 12 4.14 15.27 19.87
C LYS A 12 4.78 14.93 18.51
N GLU A 13 5.93 15.53 18.20
CA GLU A 13 6.61 15.21 16.94
C GLU A 13 7.05 13.76 16.93
N ALA A 14 7.54 13.28 18.07
CA ALA A 14 7.99 11.91 18.15
C ALA A 14 6.80 10.93 18.08
N GLU A 15 5.63 11.31 18.61
CA GLU A 15 4.41 10.51 18.46
C GLU A 15 4.03 10.34 17.00
N LEU A 16 4.13 11.41 16.23
CA LEU A 16 3.84 11.35 14.79
C LEU A 16 4.84 10.47 14.04
N LYS A 17 6.10 10.56 14.42
CA LYS A 17 7.08 9.67 13.81
C LYS A 17 6.74 8.21 14.09
N GLU A 18 6.31 7.92 15.32
CA GLU A 18 5.88 6.55 15.64
C GLU A 18 4.64 6.15 14.83
N ALA A 19 3.71 7.09 14.66
CA ALA A 19 2.53 6.80 13.86
C ALA A 19 2.89 6.56 12.40
N GLU A 20 3.91 7.26 11.88
CA GLU A 20 4.33 6.99 10.53
C GLU A 20 4.92 5.58 10.41
N LYS A 21 5.71 5.19 11.41
CA LYS A 21 6.26 3.82 11.45
C LYS A 21 5.15 2.78 11.43
N GLU A 22 4.12 2.96 12.26
CA GLU A 22 3.03 1.99 12.27
CA GLU A 22 3.01 2.01 12.28
C GLU A 22 2.24 1.99 10.97
N LEU A 23 2.11 3.13 10.31
CA LEU A 23 1.41 3.14 9.04
C LEU A 23 2.22 2.37 8.01
N HIS A 24 3.54 2.57 8.04
CA HIS A 24 4.43 1.88 7.12
C HIS A 24 4.35 0.37 7.31
N GLU A 25 4.33 -0.06 8.56
CA GLU A 25 4.25 -1.49 8.85
C GLU A 25 2.94 -2.10 8.40
N LYS A 26 1.84 -1.41 8.67
CA LYS A 26 0.53 -1.88 8.22
C LYS A 26 0.43 -1.92 6.70
N PHE A 27 0.89 -0.87 6.04
CA PHE A 27 0.85 -0.87 4.59
C PHE A 27 1.76 -1.98 4.03
N ASP A 28 2.87 -2.28 4.70
CA ASP A 28 3.69 -3.37 4.15
C ASP A 28 2.97 -4.69 4.18
N ARG A 29 2.11 -4.92 5.19
CA ARG A 29 1.41 -6.20 5.24
C ARG A 29 0.39 -6.28 4.12
N LEU A 30 -0.22 -5.11 3.77
CA LEU A 30 -1.12 -5.06 2.63
C LEU A 30 -0.36 -5.22 1.34
N LYS A 31 0.87 -4.69 1.21
CA LYS A 31 1.67 -4.95 0.00
C LYS A 31 1.98 -6.43 -0.17
N LYS A 32 2.38 -7.10 0.93
CA LYS A 32 2.72 -8.52 0.88
C LYS A 32 1.53 -9.32 0.39
N LEU A 33 0.35 -8.96 0.88
CA LEU A 33 -0.88 -9.64 0.50
C LEU A 33 -1.18 -9.41 -0.97
N HIS A 34 -0.97 -8.18 -1.45
CA HIS A 34 -1.14 -7.90 -2.87
C HIS A 34 -0.14 -8.68 -3.71
N GLN A 35 1.09 -8.80 -3.22
CA GLN A 35 2.09 -9.58 -3.95
C GLN A 35 1.70 -11.04 -3.99
N ASP A 36 1.14 -11.56 -2.88
CA ASP A 36 0.66 -12.96 -2.87
C ASP A 36 -0.42 -13.16 -3.92
N GLU A 37 -1.33 -12.20 -3.98
CA GLU A 37 -2.46 -12.30 -4.88
C GLU A 37 -2.01 -12.22 -6.32
N LYS A 38 -1.02 -11.38 -6.62
CA LYS A 38 -0.52 -11.29 -7.96
C LYS A 38 0.18 -12.59 -8.38
N LYS A 39 0.96 -13.16 -7.47
CA LYS A 39 1.63 -14.43 -7.76
C LYS A 39 0.60 -15.55 -7.97
N LYS A 40 -0.50 -15.50 -7.22
CA LYS A 40 -1.53 -16.51 -7.37
C LYS A 40 -2.14 -16.46 -8.78
N LEU A 41 -2.39 -15.26 -9.28
CA LEU A 41 -2.96 -15.15 -10.62
C LEU A 41 -1.95 -15.58 -11.64
N GLU A 42 -0.70 -15.17 -11.48
CA GLU A 42 0.32 -15.60 -12.42
C GLU A 42 0.46 -17.12 -12.48
N ASP A 43 0.41 -17.79 -11.32
CA ASP A 43 0.56 -19.24 -11.34
C ASP A 43 -0.68 -19.94 -11.92
N LYS A 44 -1.87 -19.34 -11.80
CA LYS A 44 -3.04 -19.82 -12.53
C LYS A 44 -2.82 -19.71 -14.05
N LYS A 45 -2.29 -18.59 -14.48
CA LYS A 45 -2.09 -18.44 -15.91
C LYS A 45 -1.00 -19.39 -16.38
N LYS A 46 0.06 -19.55 -15.59
CA LYS A 46 1.13 -20.47 -15.97
C LYS A 46 0.60 -21.88 -16.10
N SER A 47 -0.20 -22.32 -15.13
CA SER A 47 -0.58 -23.73 -15.21
C SER A 47 -1.54 -23.92 -16.36
N LEU A 48 -2.40 -22.93 -16.63
CA LEU A 48 -3.25 -23.04 -17.80
C LEU A 48 -2.45 -23.11 -19.09
N ASP A 49 -1.52 -22.17 -19.27
CA ASP A 49 -0.69 -22.17 -20.47
C ASP A 49 0.06 -23.49 -20.61
N ASP A 50 0.60 -24.00 -19.50
CA ASP A 50 1.34 -25.25 -19.57
C ASP A 50 0.41 -26.41 -19.93
N GLU A 51 -0.80 -26.41 -19.38
CA GLU A 51 -1.74 -27.48 -19.73
C GLU A 51 -2.09 -27.42 -21.21
N VAL A 52 -2.37 -26.22 -21.71
CA VAL A 52 -2.69 -26.06 -23.13
C VAL A 52 -1.52 -26.52 -24.00
N ASN A 53 -0.32 -26.03 -23.70
CA ASN A 53 0.86 -26.39 -24.49
C ASN A 53 1.14 -27.87 -24.42
N ALA A 54 0.77 -28.53 -23.31
CA ALA A 54 0.99 -29.97 -23.20
C ALA A 54 0.40 -30.73 -24.37
N PHE A 55 -0.72 -30.27 -24.92
CA PHE A 55 -1.34 -30.99 -26.04
C PHE A 55 -0.58 -30.82 -27.35
N LYS A 56 -0.40 -29.57 -27.76
CA LYS A 56 0.37 -29.23 -28.95
C LYS A 56 1.78 -29.82 -28.87
N HIS B 3 -17.13 -31.08 -19.01
CA HIS B 3 -17.78 -30.95 -20.31
C HIS B 3 -17.40 -29.64 -21.01
N MET B 4 -17.06 -29.74 -22.29
CA MET B 4 -16.54 -28.65 -23.14
C MET B 4 -15.33 -27.98 -22.50
N TRP B 5 -14.25 -28.77 -22.41
CA TRP B 5 -13.02 -28.28 -21.79
C TRP B 5 -12.36 -27.19 -22.62
N VAL B 6 -12.45 -27.28 -23.95
CA VAL B 6 -11.92 -26.22 -24.79
C VAL B 6 -12.60 -24.89 -24.46
N GLN B 7 -13.89 -24.92 -24.13
CA GLN B 7 -14.57 -23.68 -23.83
C GLN B 7 -14.23 -23.16 -22.43
N ARG B 8 -13.99 -24.06 -21.48
CA ARG B 8 -13.61 -23.66 -20.13
C ARG B 8 -12.33 -22.83 -20.16
N VAL B 9 -11.38 -23.20 -21.03
CA VAL B 9 -10.05 -22.58 -21.04
C VAL B 9 -10.08 -21.19 -21.69
N LYS B 10 -10.82 -21.04 -22.80
CA LYS B 10 -11.01 -19.72 -23.38
C LYS B 10 -11.53 -18.75 -22.34
N GLU B 11 -12.53 -19.19 -21.56
CA GLU B 11 -13.13 -18.33 -20.54
C GLU B 11 -12.09 -18.01 -19.46
N LYS B 12 -11.41 -19.04 -18.95
CA LYS B 12 -10.52 -18.81 -17.81
C LYS B 12 -9.33 -17.91 -18.19
N GLU B 13 -8.81 -17.99 -19.41
CA GLU B 13 -7.73 -17.08 -19.79
C GLU B 13 -8.21 -15.64 -19.82
N ALA B 14 -9.32 -15.39 -20.52
CA ALA B 14 -9.83 -14.03 -20.56
C ALA B 14 -10.11 -13.52 -19.16
N GLU B 15 -10.64 -14.39 -18.29
CA GLU B 15 -10.98 -13.93 -16.94
C GLU B 15 -9.74 -13.63 -16.14
N LEU B 16 -8.66 -14.42 -16.35
CA LEU B 16 -7.43 -14.12 -15.63
C LEU B 16 -6.83 -12.77 -16.07
N LYS B 17 -6.88 -12.43 -17.36
CA LYS B 17 -6.35 -11.14 -17.79
C LYS B 17 -7.14 -10.02 -17.14
N GLU B 18 -8.49 -10.15 -17.10
CA GLU B 18 -9.32 -9.12 -16.48
C GLU B 18 -9.09 -9.06 -14.99
N ALA B 19 -8.91 -10.22 -14.31
CA ALA B 19 -8.66 -10.19 -12.88
C ALA B 19 -7.33 -9.52 -12.56
N GLU B 20 -6.32 -9.70 -13.43
CA GLU B 20 -5.03 -9.06 -13.19
C GLU B 20 -5.12 -7.55 -13.32
N LYS B 21 -5.89 -7.07 -14.33
CA LYS B 21 -6.12 -5.63 -14.46
CA LYS B 21 -6.14 -5.64 -14.47
C LYS B 21 -6.84 -5.10 -13.23
N GLU B 22 -7.89 -5.80 -12.80
CA GLU B 22 -8.65 -5.42 -11.62
C GLU B 22 -7.79 -5.36 -10.38
N LEU B 23 -6.92 -6.34 -10.19
CA LEU B 23 -6.04 -6.33 -9.02
C LEU B 23 -5.11 -5.11 -9.05
N HIS B 24 -4.62 -4.76 -10.24
CA HIS B 24 -3.74 -3.60 -10.39
C HIS B 24 -4.48 -2.31 -10.03
N GLU B 25 -5.72 -2.16 -10.52
CA GLU B 25 -6.52 -0.99 -10.17
C GLU B 25 -6.79 -0.93 -8.69
N LYS B 26 -7.10 -2.07 -8.05
CA LYS B 26 -7.37 -2.07 -6.61
C LYS B 26 -6.16 -1.65 -5.80
N PHE B 27 -5.00 -2.10 -6.22
CA PHE B 27 -3.79 -1.79 -5.49
C PHE B 27 -3.47 -0.31 -5.66
N ASP B 28 -3.70 0.22 -6.86
CA ASP B 28 -3.48 1.67 -7.04
C ASP B 28 -4.39 2.51 -6.17
N ARG B 29 -5.67 2.14 -6.08
CA ARG B 29 -6.58 2.81 -5.16
C ARG B 29 -6.07 2.72 -3.74
N LEU B 30 -5.61 1.53 -3.33
CA LEU B 30 -5.08 1.42 -1.97
C LEU B 30 -3.85 2.32 -1.77
N LYS B 31 -2.96 2.41 -2.76
CA LYS B 31 -1.78 3.25 -2.56
C LYS B 31 -2.16 4.73 -2.47
N LYS B 32 -3.18 5.16 -3.22
CA LYS B 32 -3.61 6.56 -3.15
C LYS B 32 -4.12 6.89 -1.75
N LEU B 33 -4.93 5.99 -1.15
CA LEU B 33 -5.44 6.21 0.21
C LEU B 33 -4.30 6.19 1.21
N HIS B 34 -3.34 5.29 1.01
CA HIS B 34 -2.21 5.21 1.91
C HIS B 34 -1.37 6.49 1.84
N GLN B 35 -1.19 6.98 0.63
CA GLN B 35 -0.43 8.21 0.47
C GLN B 35 -1.14 9.41 1.13
N ASP B 36 -2.47 9.45 1.03
CA ASP B 36 -3.25 10.49 1.73
C ASP B 36 -2.97 10.45 3.24
N GLU B 37 -2.99 9.23 3.85
CA GLU B 37 -2.76 9.11 5.29
C GLU B 37 -1.31 9.47 5.64
N LYS B 38 -0.38 9.14 4.75
CA LYS B 38 1.02 9.44 5.01
C LYS B 38 1.21 10.96 4.99
N LYS B 39 0.69 11.61 3.93
CA LYS B 39 0.83 13.05 3.78
C LYS B 39 0.17 13.79 4.94
N LYS B 40 -0.93 13.26 5.50
CA LYS B 40 -1.58 13.90 6.65
C LYS B 40 -0.66 13.89 7.86
N LEU B 41 0.01 12.77 8.13
CA LEU B 41 0.97 12.73 9.23
C LEU B 41 2.14 13.67 8.98
N GLU B 42 2.69 13.66 7.77
CA GLU B 42 3.79 14.57 7.46
C GLU B 42 3.41 16.05 7.66
N ASP B 43 2.20 16.40 7.25
CA ASP B 43 1.65 17.74 7.36
C ASP B 43 1.63 18.15 8.82
N LYS B 44 1.11 17.28 9.67
CA LYS B 44 1.05 17.57 11.11
C LYS B 44 2.44 17.82 11.68
N LYS B 45 3.40 16.99 11.31
CA LYS B 45 4.75 17.15 11.81
C LYS B 45 5.40 18.45 11.32
N LYS B 46 5.19 18.82 10.07
CA LYS B 46 5.71 20.09 9.56
C LYS B 46 5.10 21.28 10.29
N SER B 47 3.82 21.20 10.63
CA SER B 47 3.20 22.33 11.34
C SER B 47 3.81 22.52 12.73
N LEU B 48 4.03 21.41 13.44
CA LEU B 48 4.69 21.50 14.74
C LEU B 48 6.10 22.07 14.60
N ASP B 49 6.87 21.57 13.62
CA ASP B 49 8.19 22.16 13.37
C ASP B 49 8.10 23.67 13.18
N ASP B 50 7.11 24.11 12.42
CA ASP B 50 7.08 25.52 12.11
C ASP B 50 6.46 26.32 13.26
N GLU B 51 5.68 25.68 14.12
CA GLU B 51 5.22 26.36 15.33
C GLU B 51 6.40 26.66 16.23
N VAL B 52 7.27 25.67 16.42
CA VAL B 52 8.47 25.93 17.22
C VAL B 52 9.26 27.06 16.60
N ASN B 53 9.45 27.03 15.27
CA ASN B 53 10.36 28.01 14.68
C ASN B 53 9.78 29.43 14.76
N ALA B 54 8.46 29.55 14.61
CA ALA B 54 7.79 30.85 14.73
C ALA B 54 7.82 31.40 16.15
N PHE B 55 7.56 30.56 17.17
CA PHE B 55 7.28 31.07 18.54
C PHE B 55 8.48 30.96 19.48
N LYS B 56 9.54 30.24 19.11
CA LYS B 56 10.65 30.03 20.02
C LYS B 56 11.35 31.36 20.30
N GLN B 57 11.94 31.46 21.49
CA GLN B 57 12.53 32.73 21.88
C GLN B 57 13.83 32.98 21.13
N ARG B 58 14.09 34.26 20.84
CA ARG B 58 15.31 34.73 20.18
C ARG B 58 15.85 36.00 20.82
S SO4 C . 1.35 -3.87 -9.98
O1 SO4 C . 1.96 -4.58 -8.86
O2 SO4 C . 1.22 -4.74 -11.14
O3 SO4 C . 2.13 -2.69 -10.35
O4 SO4 C . -0.02 -3.46 -9.65
S SO4 D . 10.01 32.19 34.95
O1 SO4 D . 11.40 32.09 34.51
O2 SO4 D . 9.32 30.90 34.77
O3 SO4 D . 10.00 32.53 36.36
O4 SO4 D . 9.33 33.24 34.19
S SO4 E . -1.02 19.04 24.23
O1 SO4 E . -1.36 18.08 23.17
O2 SO4 E . 0.12 18.54 25.00
O3 SO4 E . -2.16 19.19 25.12
O4 SO4 E . -0.65 20.33 23.64
S SO4 F . -7.94 -22.93 -9.09
O1 SO4 F . -7.87 -24.39 -9.01
O2 SO4 F . -7.46 -22.52 -10.41
O3 SO4 F . -9.31 -22.46 -8.90
O4 SO4 F . -7.11 -22.33 -8.05
S SO4 G . -0.40 12.57 24.56
O1 SO4 G . 0.84 12.18 25.23
O2 SO4 G . -1.22 11.38 24.33
O3 SO4 G . -0.08 13.22 23.29
O4 SO4 G . -1.15 13.49 25.42
S SO4 H . 4.34 -8.81 11.55
O1 SO4 H . 5.79 -8.97 11.52
O2 SO4 H . 3.75 -9.90 12.32
O3 SO4 H . 3.99 -7.54 12.16
O4 SO4 H . 3.84 -8.79 10.17
S SO4 I . 13.51 20.27 33.19
O1 SO4 I . 14.13 19.02 32.73
O2 SO4 I . 12.28 19.98 33.93
O3 SO4 I . 13.21 21.13 32.06
O4 SO4 I . 14.45 20.96 34.10
S SO4 J . 12.85 1.99 12.73
O1 SO4 J . 12.71 2.03 14.18
O2 SO4 J . 12.81 0.58 12.30
O3 SO4 J . 11.78 2.75 12.09
O4 SO4 J . 14.14 2.57 12.35
C1 CIT K . 5.80 29.46 29.44
O1 CIT K . 5.64 29.18 28.24
O2 CIT K . 5.94 30.68 29.76
C2 CIT K . 5.88 28.38 30.47
C3 CIT K . 7.33 27.98 30.47
O7 CIT K . 8.31 29.05 30.44
C4 CIT K . 7.46 27.05 31.67
C5 CIT K . 8.89 26.63 31.85
O3 CIT K . 9.56 26.09 30.96
O4 CIT K . 9.43 26.79 32.97
C6 CIT K . 7.68 27.34 29.12
O5 CIT K . 7.06 26.34 28.69
O6 CIT K . 8.58 27.88 28.41
C1 CIT L . 9.98 30.10 26.02
O1 CIT L . 10.64 29.03 26.06
O2 CIT L . 8.98 30.22 25.26
C2 CIT L . 10.38 31.27 26.93
C3 CIT L . 10.12 30.88 28.38
O7 CIT L . 8.80 30.35 28.63
C4 CIT L . 10.39 32.14 29.21
C5 CIT L . 9.75 32.15 30.58
O3 CIT L . 9.98 31.24 31.39
O4 CIT L . 9.00 33.10 30.92
C6 CIT L . 11.01 29.85 28.97
O5 CIT L . 10.45 28.91 29.60
O6 CIT L . 12.26 29.95 28.89
S SO4 M . 6.10 3.92 2.73
O1 SO4 M . 5.43 3.00 3.64
O2 SO4 M . 6.92 3.21 1.76
O3 SO4 M . 6.90 4.85 3.56
O4 SO4 M . 5.10 4.69 2.01
#